data_4AP4
#
_entry.id   4AP4
#
_cell.length_a   50.480
_cell.length_b   65.090
_cell.length_c   189.650
_cell.angle_alpha   90.00
_cell.angle_beta   90.00
_cell.angle_gamma   90.00
#
_symmetry.space_group_name_H-M   'P 21 21 21'
#
loop_
_entity.id
_entity.type
_entity.pdbx_description
1 polymer 'E3 UBIQUITIN LIGASE RNF4'
2 polymer 'UBIQUITIN-CONJUGATING ENZYME E2 D1'
3 polymer 'UBIQUITIN C'
4 non-polymer 'ZINC ION'
5 water water
#
loop_
_entity_poly.entity_id
_entity_poly.type
_entity_poly.pdbx_seq_one_letter_code
_entity_poly.pdbx_strand_id
1 'polypeptide(L)'
;GAMGSGTVSCPICMDGYSEIVQNGRLIVSTECGHVFCSQCLRDSLKNANTCPTCRKKINHKRYHPIYIGSGTVSCPICMD
GYSEIVQNGRLIVSTECGHVFCSQCLRDSLKNANTCPTCRKKINHKRYHPIYI
;
A
2 'polypeptide(L)'
;GAGSGSMALKRIQKELSDLQRDPPAHCRAGPVGDDLFHWQATIMGPPDSAYQGGVFFLTVHFPTDYPFKPPKIAFTTKIY
HPNINSNGSIKLDILRSQWSPALTVSKVLLSICSLLCDPNPDDPLVPDIAQIYKSDKEKYNRHAREWTQKYAM
;
B,E
3 'polypeptide(L)' GAMGMQIFVKTLTGKTITLEVEPSDTIENVKAKIQDKEGIPPDQQRLIFAGKQLEDGRTLSDYNIQKESTLHLVLRLRGG C,F
#
loop_
_chem_comp.id
_chem_comp.type
_chem_comp.name
_chem_comp.formula
ZN non-polymer 'ZINC ION' 'Zn 2'
#
# COMPACT_ATOMS: atom_id res chain seq x y z
N SER A 5 4.96 7.11 4.41
CA SER A 5 3.61 7.67 4.76
C SER A 5 3.04 8.54 3.64
N GLY A 6 3.92 9.08 2.80
CA GLY A 6 3.51 9.74 1.56
C GLY A 6 3.24 8.69 0.49
N THR A 7 3.91 8.83 -0.65
CA THR A 7 3.77 7.87 -1.74
C THR A 7 4.43 6.54 -1.36
N VAL A 8 3.87 5.45 -1.86
CA VAL A 8 4.46 4.13 -1.65
C VAL A 8 5.81 4.07 -2.35
N SER A 9 6.81 3.51 -1.69
CA SER A 9 8.14 3.40 -2.27
C SER A 9 8.84 2.13 -1.86
N CYS A 10 9.91 1.80 -2.57
CA CYS A 10 10.67 0.59 -2.26
C CYS A 10 11.83 0.99 -1.36
N PRO A 11 11.96 0.36 -0.18
CA PRO A 11 13.05 0.77 0.71
C PRO A 11 14.47 0.33 0.29
N ILE A 12 14.61 -0.49 -0.75
CA ILE A 12 15.93 -0.97 -1.19
C ILE A 12 16.54 -0.06 -2.27
N CYS A 13 15.89 0.04 -3.43
CA CYS A 13 16.31 1.00 -4.45
C CYS A 13 15.87 2.46 -4.18
N MET A 14 14.84 2.63 -3.34
CA MET A 14 14.30 3.95 -3.01
C MET A 14 13.64 4.71 -4.17
N ASP A 15 13.11 3.97 -5.16
CA ASP A 15 12.28 4.55 -6.23
C ASP A 15 10.84 4.66 -5.76
N GLY A 16 10.17 5.73 -6.17
CA GLY A 16 8.75 5.93 -5.87
C GLY A 16 7.86 5.08 -6.76
N TYR A 17 6.55 5.09 -6.49
CA TYR A 17 5.57 4.35 -7.27
C TYR A 17 5.75 4.56 -8.78
N SER A 18 5.65 5.82 -9.21
CA SER A 18 5.76 6.18 -10.62
C SER A 18 6.97 5.51 -11.28
N GLU A 19 8.14 5.75 -10.71
CA GLU A 19 9.40 5.26 -11.27
C GLU A 19 9.50 3.73 -11.28
N ILE A 20 8.77 3.07 -10.39
CA ILE A 20 8.76 1.60 -10.32
C ILE A 20 8.04 0.99 -11.54
N VAL A 21 6.77 1.38 -11.76
CA VAL A 21 5.94 0.77 -12.80
C VAL A 21 6.32 1.28 -14.20
N GLN A 22 6.84 2.50 -14.25
CA GLN A 22 7.27 3.12 -15.49
C GLN A 22 8.31 2.27 -16.23
N ASN A 23 9.18 1.56 -15.50
CA ASN A 23 10.19 0.71 -16.15
C ASN A 23 9.87 -0.80 -16.15
N GLY A 24 8.64 -1.16 -15.77
CA GLY A 24 8.14 -2.54 -15.95
C GLY A 24 8.16 -3.45 -14.74
N ARG A 25 8.53 -2.92 -13.58
CA ARG A 25 8.49 -3.68 -12.34
C ARG A 25 7.07 -3.68 -11.77
N LEU A 26 6.85 -4.48 -10.73
CA LEU A 26 5.60 -4.47 -9.98
C LEU A 26 5.84 -3.96 -8.57
N ILE A 27 4.75 -3.53 -7.92
CA ILE A 27 4.74 -3.28 -6.47
C ILE A 27 4.26 -4.56 -5.79
N VAL A 28 5.04 -5.08 -4.85
CA VAL A 28 4.72 -6.35 -4.23
C VAL A 28 4.74 -6.25 -2.71
N SER A 29 3.92 -7.07 -2.07
CA SER A 29 3.93 -7.19 -0.64
C SER A 29 4.28 -8.60 -0.24
N THR A 30 5.13 -8.73 0.78
CA THR A 30 5.35 -9.97 1.50
C THR A 30 4.11 -10.26 2.34
N GLU A 31 3.97 -11.50 2.81
CA GLU A 31 2.85 -11.88 3.68
C GLU A 31 2.90 -11.16 5.02
N CYS A 32 4.11 -10.77 5.43
CA CYS A 32 4.28 -9.99 6.65
C CYS A 32 3.97 -8.49 6.41
N GLY A 33 3.58 -8.12 5.19
CA GLY A 33 3.03 -6.80 4.89
C GLY A 33 4.03 -5.73 4.51
N HIS A 34 5.21 -6.17 4.09
CA HIS A 34 6.27 -5.25 3.75
C HIS A 34 6.40 -5.14 2.26
N VAL A 35 6.50 -3.89 1.80
CA VAL A 35 6.33 -3.54 0.41
C VAL A 35 7.66 -3.28 -0.22
N PHE A 36 7.83 -3.76 -1.45
CA PHE A 36 9.06 -3.62 -2.21
C PHE A 36 8.71 -3.63 -3.69
N CYS A 37 9.65 -3.18 -4.52
CA CYS A 37 9.53 -3.42 -5.96
C CYS A 37 9.92 -4.87 -6.21
N SER A 38 9.46 -5.41 -7.32
CA SER A 38 9.65 -6.82 -7.64
C SER A 38 11.11 -7.17 -7.90
N GLN A 39 11.83 -6.27 -8.55
CA GLN A 39 13.24 -6.50 -8.85
C GLN A 39 14.08 -6.53 -7.58
N CYS A 40 13.77 -5.67 -6.61
CA CYS A 40 14.51 -5.64 -5.33
C CYS A 40 14.21 -6.85 -4.44
N LEU A 41 12.94 -7.25 -4.36
CA LEU A 41 12.60 -8.43 -3.57
C LEU A 41 13.21 -9.72 -4.16
N ARG A 42 13.15 -9.84 -5.49
CA ARG A 42 13.74 -10.99 -6.21
C ARG A 42 15.26 -11.09 -6.01
N ASP A 43 15.95 -9.97 -6.18
CA ASP A 43 17.39 -9.92 -5.95
C ASP A 43 17.73 -10.19 -4.48
N SER A 44 16.84 -9.79 -3.57
CA SER A 44 17.02 -10.06 -2.15
C SER A 44 16.82 -11.54 -1.81
N LEU A 45 15.75 -12.13 -2.34
CA LEU A 45 15.48 -13.56 -2.18
C LEU A 45 16.61 -14.45 -2.66
N LYS A 46 17.33 -13.96 -3.67
CA LYS A 46 18.54 -14.58 -4.23
C LYS A 46 19.71 -14.71 -3.23
N ASN A 47 19.75 -13.83 -2.24
CA ASN A 47 20.84 -13.80 -1.24
C ASN A 47 20.45 -14.31 0.15
N ALA A 48 19.15 -14.22 0.49
CA ALA A 48 18.65 -14.80 1.75
C ALA A 48 17.14 -15.02 1.63
N ASN A 49 16.58 -15.89 2.47
CA ASN A 49 15.16 -16.22 2.38
C ASN A 49 14.27 -15.49 3.40
N THR A 50 14.77 -14.36 3.91
CA THR A 50 14.14 -13.61 5.00
C THR A 50 13.68 -12.22 4.50
N CYS A 51 12.65 -11.67 5.14
CA CYS A 51 12.16 -10.36 4.76
C CYS A 51 13.23 -9.32 5.07
N PRO A 52 13.53 -8.42 4.13
CA PRO A 52 14.48 -7.35 4.44
C PRO A 52 14.10 -6.36 5.57
N THR A 53 12.80 -6.22 5.84
CA THR A 53 12.31 -5.25 6.82
C THR A 53 12.08 -5.88 8.22
N CYS A 54 11.66 -7.14 8.29
CA CYS A 54 11.41 -7.77 9.60
C CYS A 54 12.04 -9.14 9.83
N ARG A 55 12.73 -9.69 8.83
CA ARG A 55 13.41 -10.97 8.94
C ARG A 55 12.56 -12.27 8.96
N LYS A 56 11.23 -12.18 8.83
CA LYS A 56 10.43 -13.40 8.74
C LYS A 56 10.75 -14.12 7.43
N LYS A 57 10.74 -15.45 7.48
CA LYS A 57 10.96 -16.26 6.28
C LYS A 57 9.87 -16.01 5.24
N ILE A 58 10.29 -15.65 4.03
CA ILE A 58 9.37 -15.39 2.93
C ILE A 58 9.63 -16.33 1.74
N ASN A 59 10.50 -17.33 1.93
CA ASN A 59 10.68 -18.39 0.93
C ASN A 59 9.36 -19.00 0.45
N HIS A 60 9.40 -19.74 -0.66
CA HIS A 60 8.21 -20.37 -1.26
C HIS A 60 7.09 -19.39 -1.53
N LYS A 61 7.42 -18.31 -2.24
CA LYS A 61 6.44 -17.39 -2.83
C LYS A 61 5.49 -16.78 -1.79
N ARG A 62 6.00 -16.47 -0.60
CA ARG A 62 5.19 -15.80 0.41
C ARG A 62 5.19 -14.29 0.17
N TYR A 63 4.91 -13.91 -1.07
CA TYR A 63 4.73 -12.51 -1.44
C TYR A 63 3.83 -12.49 -2.67
N HIS A 64 3.34 -11.31 -3.04
CA HIS A 64 2.42 -11.20 -4.18
C HIS A 64 2.32 -9.77 -4.63
N PRO A 65 1.88 -9.54 -5.89
CA PRO A 65 1.70 -8.14 -6.28
C PRO A 65 0.57 -7.45 -5.50
N ILE A 66 0.66 -6.13 -5.40
CA ILE A 66 -0.47 -5.31 -4.95
C ILE A 66 -0.77 -4.30 -6.06
N TYR A 67 -2.03 -3.94 -6.20
CA TYR A 67 -2.46 -3.01 -7.22
C TYR A 67 -2.97 -1.76 -6.55
N ILE A 68 -2.16 -0.70 -6.61
CA ILE A 68 -2.58 0.61 -6.13
C ILE A 68 -2.51 1.59 -7.31
N GLY A 69 -3.44 2.53 -7.36
CA GLY A 69 -3.64 3.38 -8.54
C GLY A 69 -2.82 4.67 -8.60
N SER A 70 -2.73 5.40 -7.50
CA SER A 70 -2.18 6.75 -7.48
C SER A 70 -0.70 6.83 -7.10
N GLY A 71 -0.28 5.90 -6.22
CA GLY A 71 0.96 6.04 -5.46
C GLY A 71 0.60 6.45 -4.03
N THR A 72 -0.52 7.18 -3.90
CA THR A 72 -1.09 7.54 -2.61
C THR A 72 -2.31 6.65 -2.37
N VAL A 73 -2.26 5.92 -1.29
CA VAL A 73 -3.20 4.85 -1.04
C VAL A 73 -4.49 5.39 -0.45
N SER A 74 -5.60 4.72 -0.73
CA SER A 74 -6.83 5.02 -0.04
C SER A 74 -7.76 3.85 -0.15
N CYS A 75 -8.73 3.80 0.76
CA CYS A 75 -9.67 2.69 0.76
C CYS A 75 -10.81 3.02 -0.20
N PRO A 76 -11.05 2.17 -1.22
CA PRO A 76 -12.11 2.48 -2.18
C PRO A 76 -13.54 2.33 -1.66
N ILE A 77 -13.72 1.80 -0.46
CA ILE A 77 -15.06 1.63 0.12
C ILE A 77 -15.43 2.83 1.00
N CYS A 78 -14.63 3.13 2.01
CA CYS A 78 -14.94 4.27 2.84
C CYS A 78 -14.46 5.57 2.22
N MET A 79 -13.49 5.48 1.32
CA MET A 79 -12.85 6.62 0.63
C MET A 79 -11.93 7.50 1.51
N ASP A 80 -11.63 7.08 2.73
CA ASP A 80 -10.61 7.74 3.55
C ASP A 80 -9.21 7.47 2.98
N GLY A 81 -8.33 8.46 3.12
CA GLY A 81 -6.93 8.35 2.75
C GLY A 81 -6.12 7.71 3.87
N TYR A 82 -4.88 7.35 3.54
CA TYR A 82 -3.94 6.73 4.48
C TYR A 82 -3.97 7.35 5.88
N SER A 83 -3.72 8.66 5.95
CA SER A 83 -3.67 9.37 7.22
C SER A 83 -4.92 9.10 8.05
N GLU A 84 -6.08 9.30 7.43
CA GLU A 84 -7.35 9.09 8.09
C GLU A 84 -7.55 7.62 8.52
N ILE A 85 -7.04 6.69 7.73
CA ILE A 85 -7.14 5.28 8.09
C ILE A 85 -6.33 5.03 9.36
N VAL A 86 -5.07 5.46 9.36
CA VAL A 86 -4.11 5.08 10.42
C VAL A 86 -4.38 5.84 11.73
N GLN A 87 -4.62 7.14 11.65
CA GLN A 87 -4.82 7.95 12.87
C GLN A 87 -6.00 7.45 13.73
N ASN A 88 -6.94 6.79 13.06
CA ASN A 88 -8.10 6.17 13.66
C ASN A 88 -7.80 4.84 14.37
N GLY A 89 -6.64 4.25 14.10
CA GLY A 89 -6.33 2.92 14.62
C GLY A 89 -6.68 1.80 13.64
N ARG A 90 -7.16 2.15 12.45
CA ARG A 90 -7.37 1.17 11.42
C ARG A 90 -6.05 0.82 10.75
N LEU A 91 -6.02 -0.31 10.06
CA LEU A 91 -4.84 -0.74 9.34
C LEU A 91 -5.13 -0.68 7.87
N ILE A 92 -4.07 -0.54 7.09
CA ILE A 92 -4.14 -0.71 5.65
C ILE A 92 -3.98 -2.20 5.43
N VAL A 93 -4.79 -2.78 4.54
CA VAL A 93 -4.72 -4.21 4.25
C VAL A 93 -4.74 -4.54 2.75
N SER A 94 -4.21 -5.71 2.41
CA SER A 94 -4.29 -6.26 1.06
C SER A 94 -4.83 -7.68 1.10
N THR A 95 -5.76 -7.96 0.20
CA THR A 95 -6.19 -9.31 -0.06
C THR A 95 -5.03 -10.03 -0.73
N GLU A 96 -5.07 -11.36 -0.76
CA GLU A 96 -4.06 -12.13 -1.50
C GLU A 96 -4.13 -11.87 -3.00
N CYS A 97 -5.29 -11.42 -3.48
CA CYS A 97 -5.41 -11.01 -4.89
C CYS A 97 -4.89 -9.57 -5.13
N GLY A 98 -4.28 -8.95 -4.12
CA GLY A 98 -3.56 -7.71 -4.31
C GLY A 98 -4.39 -6.44 -4.21
N HIS A 99 -5.57 -6.53 -3.63
CA HIS A 99 -6.46 -5.41 -3.56
C HIS A 99 -6.51 -4.83 -2.19
N VAL A 100 -6.39 -3.52 -2.14
CA VAL A 100 -6.10 -2.82 -0.91
C VAL A 100 -7.32 -2.12 -0.35
N PHE A 101 -7.51 -2.22 0.97
CA PHE A 101 -8.65 -1.61 1.66
C PHE A 101 -8.18 -1.25 3.07
N CYS A 102 -8.98 -0.46 3.77
CA CYS A 102 -8.79 -0.31 5.20
C CYS A 102 -9.37 -1.58 5.84
N SER A 103 -8.89 -1.92 7.02
CA SER A 103 -9.24 -3.20 7.67
C SER A 103 -10.72 -3.31 8.03
N GLN A 104 -11.29 -2.21 8.55
CA GLN A 104 -12.68 -2.22 8.97
C GLN A 104 -13.64 -2.37 7.78
N CYS A 105 -13.34 -1.72 6.65
CA CYS A 105 -14.16 -1.90 5.44
C CYS A 105 -14.16 -3.31 4.90
N LEU A 106 -13.01 -3.93 4.84
CA LEU A 106 -12.94 -5.30 4.32
C LEU A 106 -13.65 -6.26 5.27
N ARG A 107 -13.49 -6.08 6.59
CA ARG A 107 -14.20 -6.91 7.57
C ARG A 107 -15.69 -6.86 7.33
N ASP A 108 -16.22 -5.64 7.30
CA ASP A 108 -17.65 -5.42 7.23
C ASP A 108 -18.25 -5.96 5.93
N SER A 109 -17.53 -5.78 4.84
CA SER A 109 -17.88 -6.32 3.52
C SER A 109 -17.92 -7.87 3.55
N LEU A 110 -17.02 -8.49 4.33
CA LEU A 110 -17.00 -9.94 4.49
C LEU A 110 -18.17 -10.49 5.31
N LYS A 111 -18.80 -9.67 6.15
CA LYS A 111 -20.02 -10.10 6.84
C LYS A 111 -21.13 -10.35 5.83
N ASN A 112 -21.06 -9.69 4.68
CA ASN A 112 -22.12 -9.78 3.67
C ASN A 112 -21.86 -10.73 2.51
N ALA A 113 -20.60 -10.94 2.15
CA ALA A 113 -20.25 -11.87 1.07
C ALA A 113 -18.78 -12.25 1.17
N ASN A 114 -18.46 -13.47 0.76
CA ASN A 114 -17.10 -13.99 0.89
C ASN A 114 -16.21 -13.69 -0.33
N THR A 115 -16.48 -12.56 -1.00
CA THR A 115 -15.72 -12.17 -2.19
C THR A 115 -14.97 -10.84 -2.04
N CYS A 116 -13.87 -10.71 -2.77
CA CYS A 116 -13.11 -9.47 -2.82
C CYS A 116 -13.99 -8.36 -3.41
N PRO A 117 -14.06 -7.19 -2.74
CA PRO A 117 -14.95 -6.13 -3.28
C PRO A 117 -14.55 -5.66 -4.66
N THR A 118 -13.25 -5.79 -4.99
CA THR A 118 -12.70 -5.25 -6.24
C THR A 118 -12.71 -6.23 -7.39
N CYS A 119 -12.43 -7.51 -7.12
CA CYS A 119 -12.27 -8.48 -8.19
C CYS A 119 -13.14 -9.73 -8.04
N ARG A 120 -13.88 -9.82 -6.93
CA ARG A 120 -14.86 -10.88 -6.66
C ARG A 120 -14.24 -12.24 -6.32
N LYS A 121 -12.92 -12.31 -6.21
CA LYS A 121 -12.27 -13.57 -5.90
C LYS A 121 -12.66 -14.00 -4.50
N LYS A 122 -12.81 -15.31 -4.29
CA LYS A 122 -13.14 -15.82 -2.97
C LYS A 122 -12.06 -15.42 -1.98
N ILE A 123 -12.49 -14.88 -0.84
CA ILE A 123 -11.61 -14.53 0.26
C ILE A 123 -12.28 -14.84 1.59
N ASN A 124 -11.47 -14.84 2.65
CA ASN A 124 -11.97 -14.97 4.01
C ASN A 124 -10.98 -14.26 4.93
N HIS A 125 -11.19 -14.36 6.23
CA HIS A 125 -10.29 -13.77 7.21
C HIS A 125 -8.85 -14.20 7.09
N LYS A 126 -8.62 -15.39 6.53
CA LYS A 126 -7.26 -15.90 6.40
C LYS A 126 -6.61 -15.51 5.08
N ARG A 127 -7.33 -14.81 4.21
CA ARG A 127 -6.78 -14.46 2.90
C ARG A 127 -6.56 -12.98 2.68
N TYR A 128 -6.36 -12.25 3.77
CA TYR A 128 -5.87 -10.87 3.67
C TYR A 128 -4.98 -10.55 4.89
N HIS A 129 -4.09 -9.57 4.77
CA HIS A 129 -3.15 -9.25 5.85
C HIS A 129 -2.85 -7.78 5.86
N PRO A 130 -2.35 -7.27 6.99
CA PRO A 130 -1.99 -5.85 6.93
C PRO A 130 -0.83 -5.62 5.94
N ILE A 131 -0.71 -4.40 5.46
CA ILE A 131 0.52 -3.97 4.81
C ILE A 131 0.96 -2.71 5.53
N TYR A 132 2.27 -2.47 5.54
CA TYR A 132 2.83 -1.39 6.28
C TYR A 132 3.51 -0.47 5.30
N ILE A 133 2.75 0.48 4.77
CA ILE A 133 3.31 1.44 3.83
C ILE A 133 3.78 2.68 4.58
N GLY B 3 -20.57 6.08 13.88
CA GLY B 3 -21.90 6.35 14.52
C GLY B 3 -22.94 5.40 13.95
N SER B 4 -24.05 5.97 13.46
CA SER B 4 -25.02 5.20 12.68
C SER B 4 -25.51 6.01 11.48
N GLY B 5 -24.98 5.68 10.31
CA GLY B 5 -25.22 6.41 9.10
C GLY B 5 -24.11 7.38 8.80
N SER B 6 -23.22 7.63 9.76
CA SER B 6 -22.22 8.67 9.57
C SER B 6 -21.17 8.30 8.49
N MET B 7 -20.72 7.05 8.50
CA MET B 7 -19.78 6.59 7.49
C MET B 7 -20.46 6.61 6.12
N ALA B 8 -21.73 6.23 6.09
CA ALA B 8 -22.58 6.35 4.90
C ALA B 8 -22.69 7.79 4.39
N LEU B 9 -22.99 8.72 5.30
CA LEU B 9 -23.10 10.14 4.95
C LEU B 9 -21.81 10.63 4.32
N LYS B 10 -20.67 10.25 4.90
CA LYS B 10 -19.39 10.76 4.40
C LYS B 10 -19.07 10.24 3.01
N ARG B 11 -19.33 8.95 2.78
CA ARG B 11 -19.14 8.31 1.47
C ARG B 11 -20.04 8.92 0.39
N ILE B 12 -21.32 9.11 0.71
CA ILE B 12 -22.27 9.68 -0.24
C ILE B 12 -21.88 11.12 -0.61
N GLN B 13 -21.45 11.89 0.38
CA GLN B 13 -20.99 13.26 0.12
C GLN B 13 -19.74 13.24 -0.75
N LYS B 14 -18.83 12.33 -0.46
CA LYS B 14 -17.64 12.15 -1.31
C LYS B 14 -18.03 11.83 -2.75
N GLU B 15 -19.00 10.95 -2.95
CA GLU B 15 -19.43 10.57 -4.30
C GLU B 15 -20.02 11.76 -5.02
N LEU B 16 -20.87 12.50 -4.31
CA LEU B 16 -21.50 13.70 -4.84
C LEU B 16 -20.47 14.75 -5.26
N SER B 17 -19.47 14.96 -4.40
CA SER B 17 -18.39 15.90 -4.71
C SER B 17 -17.58 15.47 -5.93
N ASP B 18 -17.29 14.18 -6.06
CA ASP B 18 -16.60 13.67 -7.25
C ASP B 18 -17.43 13.89 -8.52
N LEU B 19 -18.75 13.74 -8.40
CA LEU B 19 -19.66 13.98 -9.51
C LEU B 19 -19.65 15.44 -9.95
N GLN B 20 -19.79 16.34 -8.98
CA GLN B 20 -19.78 17.77 -9.23
C GLN B 20 -18.40 18.25 -9.68
N ARG B 21 -17.34 17.58 -9.24
CA ARG B 21 -15.96 17.92 -9.66
C ARG B 21 -15.65 17.42 -11.08
N ASP B 22 -15.96 16.16 -11.35
CA ASP B 22 -15.65 15.55 -12.65
C ASP B 22 -16.91 14.91 -13.24
N PRO B 23 -17.81 15.72 -13.82
CA PRO B 23 -19.09 15.21 -14.29
C PRO B 23 -18.92 14.18 -15.42
N PRO B 24 -19.58 13.02 -15.29
CA PRO B 24 -19.47 12.00 -16.32
C PRO B 24 -20.32 12.29 -17.54
N ALA B 25 -20.02 11.60 -18.64
CA ALA B 25 -20.72 11.84 -19.89
C ALA B 25 -22.11 11.22 -19.87
N HIS B 26 -22.28 10.17 -19.06
CA HIS B 26 -23.49 9.32 -19.09
C HIS B 26 -24.63 9.69 -18.18
N CYS B 27 -24.39 10.51 -17.18
CA CYS B 27 -25.43 10.81 -16.22
C CYS B 27 -25.23 12.09 -15.43
N ARG B 28 -26.31 12.52 -14.80
CA ARG B 28 -26.27 13.51 -13.75
C ARG B 28 -27.07 12.96 -12.56
N ALA B 29 -26.59 13.21 -11.34
CA ALA B 29 -27.26 12.74 -10.16
C ALA B 29 -26.91 13.61 -8.97
N GLY B 30 -27.88 13.73 -8.07
CA GLY B 30 -27.68 14.49 -6.86
C GLY B 30 -28.90 14.51 -5.98
N PRO B 31 -28.74 14.95 -4.74
CA PRO B 31 -29.83 15.01 -3.80
C PRO B 31 -31.11 15.65 -4.34
N VAL B 32 -32.21 14.97 -4.10
CA VAL B 32 -33.50 15.62 -4.02
C VAL B 32 -33.50 16.28 -2.64
N GLY B 33 -33.72 17.60 -2.62
CA GLY B 33 -33.80 18.33 -1.37
C GLY B 33 -32.46 18.43 -0.65
N ASP B 34 -32.53 18.60 0.67
CA ASP B 34 -31.33 18.63 1.51
C ASP B 34 -31.10 17.27 2.17
N ASP B 35 -31.66 16.20 1.58
CA ASP B 35 -31.47 14.81 2.08
C ASP B 35 -30.46 14.04 1.20
N LEU B 36 -29.23 13.90 1.69
CA LEU B 36 -28.17 13.19 0.96
C LEU B 36 -28.53 11.74 0.65
N PHE B 37 -29.43 11.14 1.42
CA PHE B 37 -29.75 9.74 1.22
C PHE B 37 -30.83 9.51 0.16
N HIS B 38 -31.33 10.60 -0.44
CA HIS B 38 -32.36 10.50 -1.49
C HIS B 38 -31.94 11.30 -2.70
N TRP B 39 -31.56 10.61 -3.78
CA TRP B 39 -31.12 11.31 -4.99
C TRP B 39 -32.07 11.14 -6.11
N GLN B 40 -32.05 12.10 -7.02
CA GLN B 40 -32.64 11.95 -8.34
C GLN B 40 -31.48 11.79 -9.30
N ALA B 41 -31.66 10.96 -10.32
CA ALA B 41 -30.63 10.77 -11.34
C ALA B 41 -31.23 10.82 -12.73
N THR B 42 -30.39 11.14 -13.72
CA THR B 42 -30.80 11.04 -15.14
C THR B 42 -29.76 10.26 -15.92
N ILE B 43 -30.23 9.45 -16.85
CA ILE B 43 -29.40 8.68 -17.75
C ILE B 43 -29.78 8.99 -19.19
N MET B 44 -28.79 9.04 -20.07
CA MET B 44 -29.02 9.20 -21.49
C MET B 44 -29.12 7.83 -22.17
N GLY B 45 -30.08 7.69 -23.08
CA GLY B 45 -30.13 6.52 -23.92
C GLY B 45 -28.83 6.38 -24.71
N PRO B 46 -28.28 5.17 -24.80
CA PRO B 46 -27.05 4.98 -25.59
C PRO B 46 -27.25 5.37 -27.05
N PRO B 47 -26.24 6.01 -27.67
CA PRO B 47 -26.37 6.35 -29.08
C PRO B 47 -26.43 5.08 -29.91
N ASP B 48 -26.95 5.20 -31.13
CA ASP B 48 -27.08 4.06 -32.04
C ASP B 48 -27.83 2.92 -31.36
N SER B 49 -29.02 3.24 -30.86
CA SER B 49 -29.87 2.26 -30.20
C SER B 49 -31.31 2.78 -30.20
N ALA B 50 -32.24 1.89 -29.87
CA ALA B 50 -33.64 2.25 -29.81
C ALA B 50 -33.91 3.37 -28.81
N TYR B 51 -32.99 3.54 -27.85
CA TYR B 51 -33.18 4.52 -26.78
C TYR B 51 -32.49 5.87 -27.07
N GLN B 52 -31.80 5.98 -28.21
CA GLN B 52 -31.00 7.19 -28.49
C GLN B 52 -31.85 8.44 -28.41
N GLY B 53 -31.30 9.51 -27.84
CA GLY B 53 -32.05 10.77 -27.68
C GLY B 53 -32.89 10.85 -26.42
N GLY B 54 -33.10 9.71 -25.76
CA GLY B 54 -33.97 9.67 -24.59
C GLY B 54 -33.23 10.13 -23.35
N VAL B 55 -33.95 10.79 -22.47
CA VAL B 55 -33.45 11.10 -21.12
C VAL B 55 -34.34 10.41 -20.11
N PHE B 56 -33.75 9.56 -19.26
CA PHE B 56 -34.51 8.72 -18.36
C PHE B 56 -34.22 9.09 -16.91
N PHE B 57 -35.26 9.36 -16.15
CA PHE B 57 -35.11 9.77 -14.76
C PHE B 57 -35.18 8.54 -13.86
N LEU B 58 -34.38 8.58 -12.78
CA LEU B 58 -34.31 7.50 -11.79
C LEU B 58 -34.32 8.09 -10.39
N THR B 59 -34.72 7.28 -9.40
CA THR B 59 -34.54 7.61 -7.99
C THR B 59 -33.46 6.70 -7.38
N VAL B 60 -32.64 7.26 -6.51
CA VAL B 60 -31.64 6.49 -5.75
C VAL B 60 -31.89 6.73 -4.26
N HIS B 61 -32.19 5.67 -3.50
CA HIS B 61 -32.31 5.72 -2.02
C HIS B 61 -31.19 4.90 -1.45
N PHE B 62 -30.30 5.55 -0.72
CA PHE B 62 -29.18 4.88 -0.08
C PHE B 62 -29.65 4.34 1.26
N PRO B 63 -29.38 3.06 1.57
CA PRO B 63 -29.79 2.54 2.86
C PRO B 63 -28.87 3.07 3.96
N THR B 64 -29.27 2.93 5.22
CA THR B 64 -28.49 3.48 6.33
C THR B 64 -27.07 2.86 6.45
N ASP B 65 -26.93 1.60 6.07
CA ASP B 65 -25.63 0.91 6.07
C ASP B 65 -24.98 0.84 4.67
N TYR B 66 -25.30 1.81 3.80
CA TYR B 66 -24.52 2.06 2.57
C TYR B 66 -23.10 2.39 3.02
N PRO B 67 -22.08 1.88 2.34
CA PRO B 67 -22.04 1.17 1.06
C PRO B 67 -22.05 -0.37 1.14
N PHE B 68 -22.20 -0.93 2.34
CA PHE B 68 -22.17 -2.37 2.50
C PHE B 68 -23.49 -3.02 2.02
N LYS B 69 -24.59 -2.27 2.09
CA LYS B 69 -25.82 -2.66 1.40
C LYS B 69 -26.01 -1.75 0.18
N PRO B 70 -26.58 -2.28 -0.91
CA PRO B 70 -26.72 -1.57 -2.16
C PRO B 70 -27.70 -0.42 -2.13
N PRO B 71 -27.50 0.56 -3.01
CA PRO B 71 -28.52 1.58 -3.22
C PRO B 71 -29.77 0.98 -3.85
N LYS B 72 -30.94 1.48 -3.47
CA LYS B 72 -32.20 1.13 -4.15
C LYS B 72 -32.43 2.10 -5.31
N ILE B 73 -32.46 1.56 -6.52
CA ILE B 73 -32.49 2.34 -7.74
C ILE B 73 -33.66 1.88 -8.61
N ALA B 74 -34.50 2.83 -8.99
CA ALA B 74 -35.67 2.54 -9.79
C ALA B 74 -35.86 3.65 -10.84
N PHE B 75 -36.34 3.28 -12.04
CA PHE B 75 -36.69 4.28 -13.05
C PHE B 75 -37.97 4.97 -12.62
N THR B 76 -38.05 6.27 -12.89
CA THR B 76 -39.33 6.95 -12.80
C THR B 76 -39.89 7.18 -14.21
N THR B 77 -39.02 7.29 -15.21
CA THR B 77 -39.45 7.32 -16.63
C THR B 77 -39.79 5.92 -17.12
N LYS B 78 -40.93 5.78 -17.78
CA LYS B 78 -41.30 4.51 -18.43
C LYS B 78 -40.31 4.15 -19.54
N ILE B 79 -39.92 2.89 -19.58
CA ILE B 79 -38.96 2.40 -20.56
C ILE B 79 -39.31 0.96 -20.89
N TYR B 80 -39.06 0.57 -22.14
CA TYR B 80 -39.46 -0.73 -22.66
C TYR B 80 -38.23 -1.61 -22.62
N HIS B 81 -38.27 -2.65 -21.79
CA HIS B 81 -37.10 -3.51 -21.55
C HIS B 81 -37.50 -4.74 -20.78
N PRO B 82 -36.90 -5.90 -21.09
CA PRO B 82 -37.38 -7.09 -20.42
C PRO B 82 -36.98 -7.24 -18.93
N ASN B 83 -36.06 -6.41 -18.45
CA ASN B 83 -35.56 -6.51 -17.09
C ASN B 83 -35.93 -5.30 -16.22
N ILE B 84 -36.81 -4.44 -16.75
CA ILE B 84 -37.29 -3.22 -16.07
C ILE B 84 -38.81 -3.22 -16.25
N ASN B 85 -39.56 -3.25 -15.15
CA ASN B 85 -41.04 -3.34 -15.22
C ASN B 85 -41.70 -1.95 -15.20
N SER B 86 -43.04 -1.91 -15.22
CA SER B 86 -43.80 -0.66 -15.29
C SER B 86 -43.79 0.18 -14.00
N ASN B 87 -43.41 -0.44 -12.88
CA ASN B 87 -43.10 0.31 -11.65
C ASN B 87 -41.68 0.84 -11.61
N GLY B 88 -40.92 0.61 -12.68
CA GLY B 88 -39.54 1.07 -12.75
C GLY B 88 -38.50 0.17 -12.08
N SER B 89 -38.93 -0.96 -11.52
CA SER B 89 -37.99 -1.86 -10.83
C SER B 89 -37.05 -2.45 -11.83
N ILE B 90 -35.78 -2.55 -11.42
CA ILE B 90 -34.70 -3.03 -12.26
C ILE B 90 -34.23 -4.35 -11.64
N LYS B 91 -34.43 -5.47 -12.32
CA LYS B 91 -33.94 -6.74 -11.81
C LYS B 91 -32.53 -6.94 -12.38
N LEU B 92 -31.54 -6.60 -11.54
CA LEU B 92 -30.14 -6.55 -11.93
C LEU B 92 -29.31 -7.08 -10.78
N ASP B 93 -28.46 -8.07 -11.03
CA ASP B 93 -27.77 -8.77 -9.93
C ASP B 93 -26.88 -7.85 -9.06
N ILE B 94 -26.20 -6.86 -9.66
CA ILE B 94 -25.34 -5.93 -8.90
C ILE B 94 -26.13 -5.01 -7.97
N LEU B 95 -27.45 -4.97 -8.12
CA LEU B 95 -28.32 -4.25 -7.21
C LEU B 95 -28.80 -5.16 -6.08
N ARG B 96 -28.45 -6.44 -6.13
CA ARG B 96 -28.83 -7.40 -5.08
C ARG B 96 -27.65 -8.30 -4.69
N SER B 97 -27.65 -9.56 -5.12
CA SER B 97 -26.69 -10.53 -4.63
C SER B 97 -25.26 -10.29 -5.12
N GLN B 98 -25.09 -9.63 -6.27
CA GLN B 98 -23.74 -9.40 -6.80
C GLN B 98 -23.23 -7.97 -6.56
N TRP B 99 -23.90 -7.26 -5.64
CA TRP B 99 -23.44 -5.95 -5.18
C TRP B 99 -22.02 -5.99 -4.70
N SER B 100 -21.26 -4.94 -4.96
CA SER B 100 -19.99 -4.74 -4.25
C SER B 100 -19.92 -3.33 -3.67
N PRO B 101 -19.41 -3.21 -2.42
CA PRO B 101 -19.22 -1.90 -1.82
C PRO B 101 -18.23 -1.01 -2.55
N ALA B 102 -17.42 -1.58 -3.43
CA ALA B 102 -16.50 -0.83 -4.25
C ALA B 102 -17.17 -0.16 -5.43
N LEU B 103 -18.42 -0.52 -5.74
CA LEU B 103 -19.17 0.14 -6.82
C LEU B 103 -19.73 1.49 -6.35
N THR B 104 -19.52 2.54 -7.15
CA THR B 104 -20.08 3.87 -6.88
C THR B 104 -21.39 4.07 -7.64
N VAL B 105 -22.19 5.07 -7.27
CA VAL B 105 -23.47 5.28 -7.95
C VAL B 105 -23.24 5.60 -9.43
N SER B 106 -22.17 6.33 -9.73
CA SER B 106 -21.84 6.63 -11.11
C SER B 106 -21.59 5.36 -11.93
N LYS B 107 -20.83 4.42 -11.36
CA LYS B 107 -20.52 3.17 -12.06
C LYS B 107 -21.77 2.31 -12.20
N VAL B 108 -22.66 2.40 -11.21
CA VAL B 108 -23.92 1.63 -11.26
C VAL B 108 -24.85 2.20 -12.32
N LEU B 109 -24.92 3.52 -12.41
CA LEU B 109 -25.72 4.16 -13.47
C LEU B 109 -25.19 3.80 -14.86
N LEU B 110 -23.86 3.83 -15.04
CA LEU B 110 -23.24 3.40 -16.29
C LEU B 110 -23.51 1.91 -16.59
N SER B 111 -23.52 1.10 -15.54
CA SER B 111 -23.89 -0.31 -15.67
C SER B 111 -25.33 -0.44 -16.12
N ILE B 112 -26.21 0.34 -15.50
CA ILE B 112 -27.60 0.35 -15.93
C ILE B 112 -27.76 0.78 -17.40
N CYS B 113 -27.05 1.82 -17.83
CA CYS B 113 -27.07 2.24 -19.23
C CYS B 113 -26.71 1.08 -20.14
N SER B 114 -25.66 0.36 -19.74
CA SER B 114 -25.14 -0.80 -20.47
C SER B 114 -26.16 -1.93 -20.60
N LEU B 115 -26.99 -2.07 -19.58
CA LEU B 115 -28.02 -3.13 -19.57
C LEU B 115 -29.08 -2.86 -20.65
N LEU B 116 -29.32 -1.57 -20.95
CA LEU B 116 -30.38 -1.19 -21.87
C LEU B 116 -30.27 -1.93 -23.19
N CYS B 117 -29.09 -1.93 -23.80
CA CYS B 117 -28.85 -2.71 -25.03
C CYS B 117 -28.28 -4.14 -24.84
N ASP B 118 -28.26 -4.65 -23.61
CA ASP B 118 -27.82 -6.01 -23.30
C ASP B 118 -28.80 -6.66 -22.30
N PRO B 119 -30.06 -6.78 -22.70
CA PRO B 119 -31.06 -7.37 -21.82
C PRO B 119 -30.85 -8.87 -21.61
N ASN B 120 -31.37 -9.40 -20.51
CA ASN B 120 -31.43 -10.82 -20.31
C ASN B 120 -32.88 -11.27 -20.52
N PRO B 121 -33.20 -11.81 -21.70
CA PRO B 121 -34.55 -12.32 -21.95
C PRO B 121 -34.84 -13.72 -21.40
N ASP B 122 -33.83 -14.39 -20.82
CA ASP B 122 -33.96 -15.80 -20.39
C ASP B 122 -34.63 -15.95 -19.03
N ASP B 123 -34.30 -15.03 -18.13
CA ASP B 123 -34.90 -14.96 -16.81
CA ASP B 123 -34.92 -14.97 -16.81
C ASP B 123 -35.42 -13.53 -16.63
N PRO B 124 -36.49 -13.17 -17.35
CA PRO B 124 -36.91 -11.77 -17.42
C PRO B 124 -37.83 -11.32 -16.29
N LEU B 125 -37.85 -10.01 -16.03
CA LEU B 125 -38.82 -9.42 -15.11
C LEU B 125 -40.17 -9.19 -15.83
N VAL B 126 -40.15 -8.89 -17.12
CA VAL B 126 -41.36 -8.73 -17.92
C VAL B 126 -41.42 -9.78 -19.07
N PRO B 127 -42.00 -10.96 -18.81
CA PRO B 127 -42.01 -12.06 -19.80
C PRO B 127 -42.50 -11.69 -21.20
N ASP B 128 -43.59 -10.92 -21.28
CA ASP B 128 -44.18 -10.49 -22.55
C ASP B 128 -43.20 -9.75 -23.46
N ILE B 129 -42.40 -8.88 -22.86
CA ILE B 129 -41.39 -8.12 -23.60
C ILE B 129 -40.21 -9.02 -24.01
N ALA B 130 -39.81 -9.93 -23.14
CA ALA B 130 -38.76 -10.92 -23.47
C ALA B 130 -39.15 -11.79 -24.66
N GLN B 131 -40.42 -12.20 -24.70
CA GLN B 131 -40.93 -12.98 -25.82
C GLN B 131 -40.80 -12.24 -27.12
N ILE B 132 -41.15 -10.95 -27.11
CA ILE B 132 -41.05 -10.11 -28.28
C ILE B 132 -39.57 -9.93 -28.68
N TYR B 133 -38.69 -9.77 -27.69
CA TYR B 133 -37.23 -9.67 -27.92
C TYR B 133 -36.69 -10.91 -28.64
N LYS B 134 -37.09 -12.09 -28.16
CA LYS B 134 -36.64 -13.37 -28.74
C LYS B 134 -37.34 -13.71 -30.06
N SER B 135 -38.63 -13.40 -30.16
CA SER B 135 -39.44 -13.72 -31.33
C SER B 135 -39.16 -12.79 -32.50
N ASP B 136 -39.26 -11.49 -32.25
CA ASP B 136 -39.17 -10.49 -33.31
C ASP B 136 -38.41 -9.27 -32.83
N LYS B 137 -37.12 -9.23 -33.13
CA LYS B 137 -36.24 -8.18 -32.61
C LYS B 137 -36.60 -6.80 -33.19
N GLU B 138 -36.97 -6.76 -34.46
CA GLU B 138 -37.38 -5.53 -35.11
C GLU B 138 -38.59 -4.92 -34.39
N LYS B 139 -39.54 -5.77 -34.00
CA LYS B 139 -40.75 -5.33 -33.28
C LYS B 139 -40.36 -4.80 -31.93
N TYR B 140 -39.47 -5.53 -31.27
CA TYR B 140 -38.92 -5.08 -29.99
C TYR B 140 -38.28 -3.69 -30.14
N ASN B 141 -37.37 -3.55 -31.09
CA ASN B 141 -36.66 -2.27 -31.29
C ASN B 141 -37.64 -1.16 -31.62
N ARG B 142 -38.67 -1.48 -32.39
CA ARG B 142 -39.69 -0.49 -32.73
C ARG B 142 -40.41 -0.01 -31.45
N HIS B 143 -40.81 -0.95 -30.60
CA HIS B 143 -41.48 -0.59 -29.36
C HIS B 143 -40.59 0.24 -28.46
N ALA B 144 -39.32 -0.16 -28.34
CA ALA B 144 -38.35 0.55 -27.47
C ALA B 144 -38.14 1.97 -27.95
N ARG B 145 -38.04 2.11 -29.26
CA ARG B 145 -37.90 3.40 -29.92
C ARG B 145 -39.12 4.31 -29.74
N GLU B 146 -40.32 3.74 -29.86
CA GLU B 146 -41.57 4.50 -29.72
C GLU B 146 -41.86 4.88 -28.27
N TRP B 147 -41.49 4.01 -27.34
CA TRP B 147 -41.63 4.32 -25.91
C TRP B 147 -40.67 5.39 -25.53
N THR B 148 -39.48 5.36 -26.13
CA THR B 148 -38.49 6.40 -25.88
C THR B 148 -39.05 7.73 -26.33
N GLN B 149 -39.54 7.74 -27.56
CA GLN B 149 -40.17 8.91 -28.14
C GLN B 149 -41.34 9.41 -27.29
N LYS B 150 -42.15 8.49 -26.76
CA LYS B 150 -43.33 8.91 -26.02
C LYS B 150 -43.09 9.37 -24.60
N TYR B 151 -42.13 8.76 -23.89
CA TYR B 151 -41.94 9.03 -22.47
C TYR B 151 -40.62 9.73 -22.09
N ALA B 152 -39.63 9.66 -22.97
CA ALA B 152 -38.25 10.04 -22.59
C ALA B 152 -37.71 11.18 -23.39
N MET B 153 -38.58 11.89 -24.10
CA MET B 153 -38.19 13.06 -24.89
C MET B 153 -39.16 14.20 -24.60
N MET C 5 -0.99 2.29 -30.88
CA MET C 5 -1.88 3.39 -30.43
C MET C 5 -2.25 3.21 -28.95
N GLN C 6 -2.56 4.33 -28.29
CA GLN C 6 -2.94 4.32 -26.88
C GLN C 6 -4.43 4.54 -26.73
N ILE C 7 -5.03 3.86 -25.75
CA ILE C 7 -6.39 4.18 -25.30
C ILE C 7 -6.38 4.32 -23.79
N PHE C 8 -7.41 4.95 -23.25
CA PHE C 8 -7.56 5.14 -21.82
C PHE C 8 -8.61 4.19 -21.29
N VAL C 9 -8.41 3.69 -20.07
CA VAL C 9 -9.46 2.96 -19.37
C VAL C 9 -9.74 3.61 -18.04
N LYS C 10 -10.99 4.01 -17.83
CA LYS C 10 -11.41 4.52 -16.53
C LYS C 10 -11.79 3.37 -15.58
N THR C 11 -10.92 3.11 -14.61
CA THR C 11 -11.01 1.94 -13.72
C THR C 11 -12.14 2.09 -12.71
N LEU C 12 -12.31 1.08 -11.85
CA LEU C 12 -13.40 1.08 -10.86
C LEU C 12 -13.41 2.28 -9.93
N THR C 13 -12.23 2.78 -9.59
CA THR C 13 -12.10 3.88 -8.65
C THR C 13 -12.18 5.24 -9.36
N GLY C 14 -12.40 5.24 -10.67
CA GLY C 14 -12.47 6.48 -11.44
C GLY C 14 -11.12 7.03 -11.85
N LYS C 15 -10.07 6.26 -11.64
CA LYS C 15 -8.75 6.63 -12.12
C LYS C 15 -8.59 6.19 -13.56
N THR C 16 -7.65 6.84 -14.26
CA THR C 16 -7.40 6.52 -15.65
C THR C 16 -6.08 5.79 -15.82
N ILE C 17 -6.09 4.67 -16.53
CA ILE C 17 -4.85 4.03 -16.97
C ILE C 17 -4.74 4.11 -18.50
N THR C 18 -3.51 3.99 -19.02
CA THR C 18 -3.24 3.95 -20.45
C THR C 18 -2.86 2.54 -20.89
N LEU C 19 -3.48 2.06 -21.98
CA LEU C 19 -3.13 0.76 -22.56
C LEU C 19 -2.46 0.96 -23.93
N GLU C 20 -1.45 0.14 -24.22
CA GLU C 20 -0.84 0.09 -25.55
C GLU C 20 -1.56 -1.00 -26.36
N VAL C 21 -2.25 -0.59 -27.43
CA VAL C 21 -3.13 -1.50 -28.17
C VAL C 21 -2.99 -1.35 -29.67
N GLU C 22 -3.55 -2.32 -30.40
CA GLU C 22 -3.72 -2.24 -31.86
C GLU C 22 -5.22 -2.32 -32.19
N PRO C 23 -5.64 -1.72 -33.33
CA PRO C 23 -7.01 -1.88 -33.81
C PRO C 23 -7.46 -3.34 -33.97
N SER C 24 -6.52 -4.22 -34.32
CA SER C 24 -6.82 -5.65 -34.47
C SER C 24 -7.03 -6.37 -33.13
N ASP C 25 -6.50 -5.85 -32.03
CA ASP C 25 -6.65 -6.50 -30.71
C ASP C 25 -8.10 -6.85 -30.38
N THR C 26 -8.32 -8.06 -29.86
CA THR C 26 -9.65 -8.48 -29.41
C THR C 26 -10.00 -7.83 -28.08
N ILE C 27 -11.25 -7.93 -27.65
CA ILE C 27 -11.63 -7.39 -26.34
C ILE C 27 -10.99 -8.19 -25.21
N GLU C 28 -10.95 -9.51 -25.37
CA GLU C 28 -10.25 -10.41 -24.44
C GLU C 28 -8.80 -9.97 -24.23
N ASN C 29 -8.15 -9.62 -25.33
CA ASN C 29 -6.77 -9.17 -25.29
C ASN C 29 -6.64 -7.90 -24.45
N VAL C 30 -7.55 -6.95 -24.66
CA VAL C 30 -7.56 -5.71 -23.91
C VAL C 30 -7.82 -5.98 -22.41
N LYS C 31 -8.72 -6.90 -22.14
CA LYS C 31 -9.00 -7.30 -20.76
C LYS C 31 -7.81 -7.94 -20.09
N ALA C 32 -7.01 -8.69 -20.85
CA ALA C 32 -5.77 -9.29 -20.33
C ALA C 32 -4.81 -8.20 -19.86
N LYS C 33 -4.68 -7.15 -20.66
CA LYS C 33 -3.83 -6.00 -20.31
C LYS C 33 -4.37 -5.24 -19.10
N ILE C 34 -5.70 -5.18 -18.95
CA ILE C 34 -6.31 -4.57 -17.78
C ILE C 34 -6.06 -5.40 -16.51
N GLN C 35 -6.17 -6.71 -16.61
CA GLN C 35 -5.85 -7.63 -15.50
C GLN C 35 -4.42 -7.38 -14.98
N ASP C 36 -3.48 -7.19 -15.90
CA ASP C 36 -2.08 -6.96 -15.53
C ASP C 36 -1.91 -5.69 -14.69
N LYS C 37 -2.70 -4.66 -14.99
CA LYS C 37 -2.61 -3.39 -14.28
C LYS C 37 -3.51 -3.30 -13.03
N GLU C 38 -4.70 -3.90 -13.09
CA GLU C 38 -5.71 -3.79 -12.01
C GLU C 38 -5.91 -5.08 -11.18
N GLY C 39 -5.49 -6.22 -11.70
CA GLY C 39 -5.66 -7.50 -11.00
C GLY C 39 -7.08 -8.04 -10.99
N ILE C 40 -7.92 -7.53 -11.89
CA ILE C 40 -9.31 -7.99 -12.04
C ILE C 40 -9.39 -8.98 -13.20
N PRO C 41 -9.78 -10.24 -12.93
CA PRO C 41 -9.75 -11.19 -14.04
C PRO C 41 -10.70 -10.78 -15.16
N PRO C 42 -10.40 -11.21 -16.40
CA PRO C 42 -11.22 -10.87 -17.56
C PRO C 42 -12.71 -11.16 -17.38
N ASP C 43 -13.06 -12.31 -16.80
CA ASP C 43 -14.47 -12.67 -16.66
C ASP C 43 -15.23 -11.78 -15.66
N GLN C 44 -14.52 -10.99 -14.85
CA GLN C 44 -15.17 -10.03 -13.94
C GLN C 44 -15.21 -8.61 -14.49
N GLN C 45 -14.50 -8.37 -15.58
CA GLN C 45 -14.50 -7.08 -16.23
C GLN C 45 -15.65 -6.95 -17.22
N ARG C 46 -16.41 -5.86 -17.12
CA ARG C 46 -17.34 -5.47 -18.19
C ARG C 46 -16.83 -4.14 -18.72
N LEU C 47 -16.44 -4.10 -19.99
CA LEU C 47 -15.93 -2.84 -20.58
C LEU C 47 -17.02 -2.13 -21.37
N ILE C 48 -17.14 -0.83 -21.19
CA ILE C 48 -18.23 -0.05 -21.77
C ILE C 48 -17.69 1.07 -22.61
N PHE C 49 -18.22 1.19 -23.83
CA PHE C 49 -17.90 2.32 -24.69
C PHE C 49 -19.15 2.79 -25.40
N ALA C 50 -19.37 4.10 -25.40
CA ALA C 50 -20.59 4.69 -25.98
C ALA C 50 -21.85 4.05 -25.39
N GLY C 51 -21.83 3.77 -24.10
CA GLY C 51 -23.01 3.27 -23.38
C GLY C 51 -23.31 1.78 -23.50
N LYS C 52 -22.44 1.04 -24.19
CA LYS C 52 -22.69 -0.37 -24.48
C LYS C 52 -21.48 -1.19 -24.07
N GLN C 53 -21.74 -2.43 -23.66
CA GLN C 53 -20.65 -3.35 -23.34
C GLN C 53 -19.94 -3.85 -24.60
N LEU C 54 -18.67 -4.23 -24.43
CA LEU C 54 -17.86 -4.74 -25.53
C LEU C 54 -17.71 -6.25 -25.36
N GLU C 55 -18.13 -7.00 -26.36
CA GLU C 55 -18.14 -8.47 -26.29
C GLU C 55 -16.79 -9.07 -26.62
N ASP C 56 -16.49 -10.18 -25.97
CA ASP C 56 -15.13 -10.78 -25.91
C ASP C 56 -14.45 -11.14 -27.26
N GLY C 57 -15.23 -11.63 -28.22
CA GLY C 57 -14.67 -12.08 -29.50
C GLY C 57 -14.39 -10.98 -30.50
N ARG C 58 -14.96 -9.80 -30.25
CA ARG C 58 -14.91 -8.68 -31.18
C ARG C 58 -13.59 -7.94 -31.01
N THR C 59 -13.20 -7.12 -31.99
CA THR C 59 -11.99 -6.31 -31.89
C THR C 59 -12.32 -4.83 -31.62
N LEU C 60 -11.28 -4.03 -31.34
CA LEU C 60 -11.41 -2.58 -31.16
C LEU C 60 -11.89 -1.89 -32.46
N SER C 61 -11.39 -2.37 -33.59
CA SER C 61 -11.82 -1.90 -34.91
C SER C 61 -13.33 -2.05 -35.10
N ASP C 62 -13.87 -3.20 -34.66
CA ASP C 62 -15.30 -3.49 -34.77
C ASP C 62 -16.20 -2.49 -33.98
N TYR C 63 -15.67 -1.91 -32.92
CA TYR C 63 -16.42 -0.94 -32.11
C TYR C 63 -16.03 0.52 -32.41
N ASN C 64 -15.34 0.75 -33.53
CA ASN C 64 -14.82 2.08 -33.85
C ASN C 64 -14.12 2.78 -32.67
N ILE C 65 -13.42 2.00 -31.85
CA ILE C 65 -12.55 2.56 -30.82
C ILE C 65 -11.25 2.95 -31.52
N GLN C 66 -10.78 4.16 -31.24
CA GLN C 66 -9.61 4.71 -31.90
C GLN C 66 -8.62 5.28 -30.92
N LYS C 67 -7.49 5.70 -31.45
CA LYS C 67 -6.50 6.53 -30.77
C LYS C 67 -7.15 7.42 -29.72
N GLU C 68 -6.84 7.13 -28.45
CA GLU C 68 -7.26 7.94 -27.30
C GLU C 68 -8.76 7.91 -26.97
N SER C 69 -9.48 6.90 -27.46
CA SER C 69 -10.82 6.62 -26.95
C SER C 69 -10.69 6.25 -25.48
N THR C 70 -11.74 6.51 -24.69
CA THR C 70 -11.76 6.04 -23.30
C THR C 70 -12.77 4.91 -23.14
N LEU C 71 -12.31 3.78 -22.62
CA LEU C 71 -13.18 2.67 -22.23
C LEU C 71 -13.46 2.77 -20.73
N HIS C 72 -14.66 2.39 -20.32
CA HIS C 72 -15.04 2.46 -18.93
C HIS C 72 -15.17 1.07 -18.37
N LEU C 73 -14.60 0.83 -17.21
CA LEU C 73 -14.62 -0.51 -16.58
C LEU C 73 -15.61 -0.50 -15.42
N VAL C 74 -16.51 -1.48 -15.44
CA VAL C 74 -17.40 -1.77 -14.33
C VAL C 74 -17.25 -3.28 -14.07
N LEU C 75 -17.92 -3.78 -13.04
CA LEU C 75 -17.93 -5.21 -12.76
C LEU C 75 -18.97 -5.96 -13.59
N ARG C 76 -18.69 -7.23 -13.84
CA ARG C 76 -19.63 -8.16 -14.47
C ARG C 76 -21.01 -8.07 -13.84
N LEU C 77 -22.03 -8.07 -14.68
CA LEU C 77 -23.39 -7.90 -14.23
C LEU C 77 -24.28 -8.72 -15.15
N ARG C 78 -25.50 -8.97 -14.68
CA ARG C 78 -26.47 -9.66 -15.49
C ARG C 78 -27.88 -9.22 -15.09
N GLY C 79 -28.66 -8.80 -16.08
CA GLY C 79 -30.08 -8.50 -15.87
C GLY C 79 -30.82 -9.79 -15.59
N GLY C 80 -31.99 -9.68 -14.97
CA GLY C 80 -32.78 -10.84 -14.64
C GLY C 80 -34.19 -10.46 -14.25
N MET D 7 20.58 0.22 -9.01
CA MET D 7 22.06 0.32 -9.10
C MET D 7 22.65 0.68 -7.71
N ALA D 8 23.81 0.10 -7.42
CA ALA D 8 24.58 0.41 -6.22
C ALA D 8 24.91 1.90 -6.11
N LEU D 9 25.41 2.46 -7.21
CA LEU D 9 25.73 3.88 -7.28
C LEU D 9 24.51 4.74 -6.97
N LYS D 10 23.36 4.39 -7.54
CA LYS D 10 22.14 5.19 -7.35
C LYS D 10 21.63 5.16 -5.90
N ARG D 11 21.70 3.99 -5.27
CA ARG D 11 21.34 3.82 -3.87
C ARG D 11 22.28 4.58 -2.92
N ILE D 12 23.58 4.45 -3.14
CA ILE D 12 24.59 5.15 -2.32
C ILE D 12 24.43 6.66 -2.43
N GLN D 13 24.16 7.15 -3.64
CA GLN D 13 23.92 8.58 -3.85
C GLN D 13 22.65 9.02 -3.14
N LYS D 14 21.61 8.18 -3.21
CA LYS D 14 20.37 8.44 -2.46
C LYS D 14 20.62 8.53 -0.96
N GLU D 15 21.41 7.61 -0.42
CA GLU D 15 21.73 7.61 1.02
C GLU D 15 22.49 8.87 1.40
N LEU D 16 23.48 9.22 0.58
CA LEU D 16 24.26 10.42 0.78
C LEU D 16 23.39 11.68 0.77
N SER D 17 22.47 11.76 -0.20
CA SER D 17 21.55 12.89 -0.28
C SER D 17 20.66 13.00 0.95
N ASP D 18 20.14 11.87 1.43
CA ASP D 18 19.35 11.85 2.67
C ASP D 18 20.18 12.31 3.86
N LEU D 19 21.44 11.93 3.89
CA LEU D 19 22.36 12.36 4.95
C LEU D 19 22.62 13.85 4.92
N GLN D 20 22.92 14.37 3.72
CA GLN D 20 23.14 15.79 3.53
C GLN D 20 21.86 16.61 3.73
N ARG D 21 20.71 16.02 3.45
CA ARG D 21 19.42 16.69 3.66
C ARG D 21 19.03 16.72 5.14
N ASP D 22 19.12 15.57 5.80
CA ASP D 22 18.72 15.44 7.21
C ASP D 22 19.86 14.79 8.02
N PRO D 23 20.89 15.60 8.38
CA PRO D 23 22.07 15.04 9.05
C PRO D 23 21.77 14.47 10.44
N PRO D 24 22.25 13.26 10.72
CA PRO D 24 22.00 12.66 12.03
C PRO D 24 22.94 13.20 13.11
N ALA D 25 22.55 13.01 14.38
CA ALA D 25 23.34 13.48 15.52
C ALA D 25 24.46 12.50 15.88
N HIS D 26 24.15 11.21 15.82
CA HIS D 26 25.04 10.14 16.31
C HIS D 26 26.27 9.97 15.48
N CYS D 27 26.25 10.48 14.25
CA CYS D 27 27.36 10.26 13.35
C CYS D 27 27.43 11.25 12.20
N ARG D 28 28.62 11.29 11.60
CA ARG D 28 28.83 11.88 10.29
C ARG D 28 29.29 10.76 9.39
N ALA D 29 28.93 10.87 8.12
CA ALA D 29 29.34 9.90 7.13
C ALA D 29 29.29 10.55 5.76
N GLY D 30 30.32 10.31 4.94
CA GLY D 30 30.32 10.77 3.55
C GLY D 30 31.57 10.35 2.82
N PRO D 31 31.55 10.46 1.47
CA PRO D 31 32.69 10.11 0.65
C PRO D 31 34.03 10.67 1.12
N VAL D 32 35.04 9.79 1.15
CA VAL D 32 36.43 10.21 1.03
C VAL D 32 36.62 10.47 -0.47
N GLY D 33 37.03 11.69 -0.81
CA GLY D 33 37.26 12.07 -2.20
C GLY D 33 35.99 12.15 -3.02
N ASP D 34 36.13 11.96 -4.33
CA ASP D 34 34.98 11.93 -5.25
C ASP D 34 34.56 10.47 -5.55
N ASP D 35 34.95 9.52 -4.68
CA ASP D 35 34.58 8.11 -4.85
C ASP D 35 33.44 7.75 -3.88
N LEU D 36 32.24 7.63 -4.44
CA LEU D 36 31.05 7.31 -3.65
C LEU D 36 31.13 5.96 -2.94
N PHE D 37 31.94 5.03 -3.43
CA PHE D 37 32.02 3.70 -2.84
C PHE D 37 32.98 3.64 -1.64
N HIS D 38 33.64 4.75 -1.32
CA HIS D 38 34.58 4.81 -0.19
CA HIS D 38 34.58 4.81 -0.19
C HIS D 38 34.25 5.97 0.71
N TRP D 39 33.70 5.69 1.89
CA TRP D 39 33.30 6.75 2.84
C TRP D 39 34.13 6.74 4.08
N GLN D 40 34.20 7.91 4.72
CA GLN D 40 34.71 8.02 6.07
C GLN D 40 33.51 8.28 6.96
N ALA D 41 33.53 7.74 8.18
CA ALA D 41 32.48 8.02 9.14
C ALA D 41 33.07 8.31 10.53
N THR D 42 32.28 8.96 11.36
CA THR D 42 32.64 9.17 12.76
C THR D 42 31.46 8.88 13.67
N ILE D 43 31.77 8.35 14.85
CA ILE D 43 30.78 8.06 15.88
C ILE D 43 31.21 8.71 17.19
N MET D 44 30.23 9.19 17.96
CA MET D 44 30.48 9.73 19.29
C MET D 44 30.28 8.64 20.34
N GLY D 45 31.17 8.58 21.33
CA GLY D 45 30.95 7.70 22.47
C GLY D 45 29.64 8.06 23.17
N PRO D 46 28.83 7.04 23.52
CA PRO D 46 27.60 7.31 24.26
C PRO D 46 27.84 8.04 25.59
N PRO D 47 26.98 9.00 25.95
CA PRO D 47 27.15 9.67 27.24
C PRO D 47 26.92 8.68 28.36
N ASP D 48 27.43 8.99 29.55
CA ASP D 48 27.30 8.13 30.73
C ASP D 48 27.79 6.72 30.39
N SER D 49 29.02 6.65 29.91
CA SER D 49 29.68 5.39 29.58
C SER D 49 31.18 5.58 29.59
N ALA D 50 31.92 4.48 29.58
CA ALA D 50 33.37 4.53 29.54
C ALA D 50 33.90 5.27 28.29
N TYR D 51 33.08 5.32 27.26
CA TYR D 51 33.47 5.94 26.00
C TYR D 51 33.05 7.42 25.88
N GLN D 52 32.38 7.96 26.90
CA GLN D 52 31.86 9.34 26.81
C GLN D 52 32.97 10.32 26.47
N GLY D 53 32.67 11.30 25.63
CA GLY D 53 33.66 12.29 25.18
C GLY D 53 34.49 11.85 23.95
N GLY D 54 34.48 10.56 23.65
CA GLY D 54 35.32 10.05 22.58
C GLY D 54 34.73 10.26 21.21
N VAL D 55 35.59 10.53 20.22
CA VAL D 55 35.20 10.60 18.81
C VAL D 55 35.96 9.51 18.06
N PHE D 56 35.22 8.60 17.42
CA PHE D 56 35.79 7.41 16.82
C PHE D 56 35.61 7.41 15.30
N PHE D 57 36.71 7.27 14.56
CA PHE D 57 36.66 7.29 13.10
C PHE D 57 36.53 5.88 12.55
N LEU D 58 35.81 5.75 11.43
CA LEU D 58 35.59 4.48 10.75
C LEU D 58 35.73 4.68 9.24
N THR D 59 35.99 3.58 8.52
CA THR D 59 35.94 3.59 7.05
C THR D 59 34.79 2.71 6.60
N VAL D 60 34.12 3.11 5.52
CA VAL D 60 33.02 2.32 4.94
C VAL D 60 33.33 2.10 3.48
N HIS D 61 33.44 0.82 3.09
CA HIS D 61 33.65 0.44 1.70
C HIS D 61 32.45 -0.34 1.23
N PHE D 62 31.73 0.20 0.24
CA PHE D 62 30.55 -0.46 -0.30
C PHE D 62 30.99 -1.42 -1.40
N PRO D 63 30.50 -2.67 -1.37
CA PRO D 63 30.87 -3.60 -2.43
C PRO D 63 30.13 -3.27 -3.73
N THR D 64 30.56 -3.82 -4.85
CA THR D 64 29.95 -3.52 -6.15
C THR D 64 28.46 -3.91 -6.24
N ASP D 65 28.08 -4.98 -5.53
CA ASP D 65 26.67 -5.41 -5.47
C ASP D 65 25.93 -4.97 -4.20
N TYR D 66 26.38 -3.84 -3.62
CA TYR D 66 25.59 -3.15 -2.58
C TYR D 66 24.27 -2.74 -3.22
N PRO D 67 23.13 -2.83 -2.50
CA PRO D 67 22.89 -3.13 -1.09
C PRO D 67 22.64 -4.60 -0.74
N PHE D 68 22.76 -5.49 -1.70
CA PHE D 68 22.47 -6.91 -1.46
C PHE D 68 23.61 -7.58 -0.69
N LYS D 69 24.83 -7.08 -0.86
CA LYS D 69 25.94 -7.45 0.01
C LYS D 69 26.24 -6.27 0.93
N PRO D 70 26.68 -6.55 2.17
CA PRO D 70 26.86 -5.52 3.19
C PRO D 70 28.06 -4.62 2.96
N PRO D 71 28.02 -3.41 3.53
CA PRO D 71 29.18 -2.54 3.52
C PRO D 71 30.27 -3.13 4.42
N LYS D 72 31.54 -2.95 4.04
CA LYS D 72 32.67 -3.28 4.91
C LYS D 72 33.05 -2.09 5.77
N ILE D 73 32.92 -2.26 7.08
CA ILE D 73 33.07 -1.17 8.04
C ILE D 73 34.09 -1.56 9.10
N ALA D 74 35.11 -0.72 9.29
CA ALA D 74 36.16 -0.95 10.28
C ALA D 74 36.47 0.34 11.02
N PHE D 75 36.81 0.24 12.31
CA PHE D 75 37.27 1.41 13.06
C PHE D 75 38.70 1.73 12.64
N THR D 76 39.02 3.02 12.54
CA THR D 76 40.40 3.44 12.39
C THR D 76 40.93 3.98 13.71
N THR D 77 40.03 4.46 14.59
CA THR D 77 40.38 4.78 15.98
C THR D 77 40.41 3.52 16.84
N LYS D 78 41.47 3.36 17.63
CA LYS D 78 41.57 2.24 18.57
C LYS D 78 40.49 2.38 19.64
N ILE D 79 39.85 1.26 19.98
CA ILE D 79 38.81 1.25 21.00
C ILE D 79 38.88 -0.09 21.75
N TYR D 80 38.57 -0.06 23.05
CA TYR D 80 38.68 -1.23 23.93
C TYR D 80 37.31 -1.85 24.04
N HIS D 81 37.16 -3.08 23.52
CA HIS D 81 35.85 -3.72 23.38
C HIS D 81 36.03 -5.15 22.97
N PRO D 82 35.20 -6.05 23.51
CA PRO D 82 35.48 -7.45 23.26
C PRO D 82 35.11 -7.92 21.84
N ASN D 83 34.40 -7.11 21.07
CA ASN D 83 33.96 -7.49 19.72
C ASN D 83 34.59 -6.63 18.61
N ILE D 84 35.57 -5.82 18.98
CA ILE D 84 36.28 -4.94 18.05
C ILE D 84 37.76 -5.13 18.36
N ASN D 85 38.55 -5.63 17.41
CA ASN D 85 39.94 -5.93 17.72
C ASN D 85 40.80 -4.68 17.51
N SER D 86 42.10 -4.80 17.77
CA SER D 86 43.01 -3.67 17.72
C SER D 86 43.32 -3.18 16.29
N ASN D 87 43.04 -4.00 15.28
CA ASN D 87 43.06 -3.58 13.87
C ASN D 87 41.72 -2.96 13.42
N GLY D 88 40.80 -2.77 14.36
CA GLY D 88 39.54 -2.12 14.05
C GLY D 88 38.44 -2.99 13.46
N SER D 89 38.71 -4.28 13.28
CA SER D 89 37.68 -5.17 12.73
C SER D 89 36.55 -5.33 13.71
N ILE D 90 35.34 -5.35 13.20
CA ILE D 90 34.12 -5.42 14.01
C ILE D 90 33.44 -6.75 13.70
N LYS D 91 33.38 -7.66 14.69
CA LYS D 91 32.63 -8.89 14.50
C LYS D 91 31.21 -8.66 14.95
N LEU D 92 30.33 -8.42 13.98
CA LEU D 92 28.94 -7.99 14.22
C LEU D 92 28.04 -8.64 13.19
N ASP D 93 26.98 -9.32 13.64
CA ASP D 93 26.18 -10.15 12.74
C ASP D 93 25.53 -9.40 11.58
N ILE D 94 25.03 -8.19 11.81
CA ILE D 94 24.42 -7.38 10.73
C ILE D 94 25.41 -6.93 9.65
N LEU D 95 26.70 -7.08 9.91
CA LEU D 95 27.73 -6.83 8.90
C LEU D 95 28.06 -8.10 8.12
N ARG D 96 27.47 -9.23 8.51
CA ARG D 96 27.69 -10.50 7.81
C ARG D 96 26.37 -11.24 7.60
N SER D 97 26.08 -12.28 8.37
CA SER D 97 24.96 -13.15 8.08
C SER D 97 23.60 -12.53 8.34
N GLN D 98 23.53 -11.54 9.23
CA GLN D 98 22.24 -10.92 9.56
C GLN D 98 22.06 -9.58 8.86
N TRP D 99 22.89 -9.34 7.84
CA TRP D 99 22.71 -8.19 6.97
C TRP D 99 21.33 -8.16 6.37
N SER D 100 20.78 -6.97 6.21
CA SER D 100 19.60 -6.77 5.38
C SER D 100 19.79 -5.60 4.42
N PRO D 101 19.31 -5.75 3.18
CA PRO D 101 19.40 -4.69 2.20
C PRO D 101 18.56 -3.47 2.56
N ALA D 102 17.63 -3.61 3.50
CA ALA D 102 16.85 -2.48 3.98
C ALA D 102 17.62 -1.62 4.97
N LEU D 103 18.76 -2.09 5.47
CA LEU D 103 19.57 -1.29 6.38
C LEU D 103 20.40 -0.25 5.60
N THR D 104 20.37 1.00 6.06
CA THR D 104 21.19 2.07 5.47
C THR D 104 22.48 2.24 6.28
N VAL D 105 23.45 2.95 5.72
CA VAL D 105 24.72 3.11 6.45
C VAL D 105 24.51 3.88 7.76
N SER D 106 23.59 4.84 7.73
CA SER D 106 23.28 5.60 8.93
C SER D 106 22.76 4.69 10.05
N LYS D 107 21.87 3.77 9.72
CA LYS D 107 21.31 2.84 10.70
C LYS D 107 22.36 1.84 11.19
N VAL D 108 23.28 1.46 10.30
CA VAL D 108 24.37 0.55 10.67
C VAL D 108 25.37 1.23 11.60
N LEU D 109 25.69 2.50 11.33
CA LEU D 109 26.56 3.24 12.24
C LEU D 109 25.92 3.37 13.62
N LEU D 110 24.62 3.69 13.66
CA LEU D 110 23.89 3.79 14.93
C LEU D 110 23.88 2.45 15.65
N SER D 111 23.77 1.38 14.87
CA SER D 111 23.83 0.03 15.42
C SER D 111 25.21 -0.22 16.03
N ILE D 112 26.26 0.15 15.31
CA ILE D 112 27.60 0.04 15.86
C ILE D 112 27.76 0.86 17.16
N CYS D 113 27.28 2.10 17.21
CA CYS D 113 27.31 2.91 18.45
CA CYS D 113 27.34 2.89 18.42
C CYS D 113 26.68 2.15 19.60
N SER D 114 25.52 1.54 19.31
CA SER D 114 24.74 0.76 20.27
CA SER D 114 24.74 0.78 20.28
C SER D 114 25.49 -0.45 20.80
N LEU D 115 26.37 -1.02 19.96
CA LEU D 115 27.16 -2.20 20.38
C LEU D 115 28.19 -1.83 21.48
N LEU D 116 28.67 -0.59 21.45
CA LEU D 116 29.74 -0.17 22.36
C LEU D 116 29.41 -0.52 23.81
N CYS D 117 28.22 -0.13 24.28
CA CYS D 117 27.80 -0.46 25.66
C CYS D 117 26.97 -1.74 25.80
N ASP D 118 26.91 -2.54 24.74
CA ASP D 118 26.21 -3.83 24.77
C ASP D 118 27.08 -4.90 24.09
N PRO D 119 28.26 -5.19 24.67
CA PRO D 119 29.16 -6.16 24.07
C PRO D 119 28.67 -7.57 24.27
N ASN D 120 29.14 -8.48 23.42
CA ASN D 120 28.92 -9.90 23.64
C ASN D 120 30.23 -10.55 24.09
N PRO D 121 30.40 -10.77 25.41
CA PRO D 121 31.61 -11.41 25.90
C PRO D 121 31.63 -12.93 25.79
N ASP D 122 30.51 -13.53 25.35
CA ASP D 122 30.38 -15.00 25.32
C ASP D 122 31.02 -15.61 24.09
N ASP D 123 30.90 -14.90 22.98
CA ASP D 123 31.51 -15.28 21.71
C ASP D 123 32.34 -14.08 21.24
N PRO D 124 33.45 -13.79 21.93
CA PRO D 124 34.18 -12.57 21.63
C PRO D 124 35.22 -12.65 20.49
N LEU D 125 35.53 -11.50 19.90
CA LEU D 125 36.64 -11.38 18.97
C LEU D 125 37.98 -11.23 19.70
N VAL D 126 37.98 -10.58 20.87
CA VAL D 126 39.19 -10.42 21.69
C VAL D 126 39.00 -11.08 23.06
N PRO D 127 39.34 -12.38 23.19
CA PRO D 127 39.06 -13.14 24.41
C PRO D 127 39.56 -12.48 25.69
N ASP D 128 40.77 -11.92 25.66
CA ASP D 128 41.40 -11.29 26.83
C ASP D 128 40.55 -10.17 27.42
N ILE D 129 39.95 -9.36 26.54
CA ILE D 129 39.10 -8.25 26.95
C ILE D 129 37.75 -8.76 27.47
N ALA D 130 37.21 -9.80 26.84
CA ALA D 130 35.98 -10.45 27.32
C ALA D 130 36.15 -11.01 28.73
N GLN D 131 37.29 -11.63 28.99
CA GLN D 131 37.59 -12.17 30.31
C GLN D 131 37.59 -11.10 31.38
N ILE D 132 38.19 -9.95 31.05
CA ILE D 132 38.22 -8.82 31.96
C ILE D 132 36.82 -8.26 32.17
N TYR D 133 36.01 -8.22 31.10
CA TYR D 133 34.60 -7.79 31.18
C TYR D 133 33.81 -8.65 32.16
N LYS D 134 33.97 -9.98 32.04
CA LYS D 134 33.25 -10.93 32.89
C LYS D 134 33.82 -11.03 34.30
N SER D 135 35.15 -10.97 34.41
CA SER D 135 35.84 -11.11 35.70
C SER D 135 35.75 -9.85 36.56
N ASP D 136 36.11 -8.71 35.98
CA ASP D 136 36.22 -7.46 36.73
C ASP D 136 35.72 -6.30 35.88
N LYS D 137 34.46 -5.93 36.08
CA LYS D 137 33.81 -4.92 35.24
C LYS D 137 34.42 -3.52 35.46
N GLU D 138 34.79 -3.23 36.72
CA GLU D 138 35.43 -1.94 37.05
C GLU D 138 36.74 -1.80 36.27
N LYS D 139 37.51 -2.88 36.20
CA LYS D 139 38.78 -2.89 35.47
C LYS D 139 38.53 -2.68 33.99
N TYR D 140 37.53 -3.39 33.47
CA TYR D 140 37.12 -3.23 32.08
C TYR D 140 36.76 -1.77 31.80
N ASN D 141 35.88 -1.20 32.62
CA ASN D 141 35.44 0.18 32.45
C ASN D 141 36.61 1.16 32.53
N ARG D 142 37.55 0.88 33.44
CA ARG D 142 38.74 1.70 33.58
C ARG D 142 39.56 1.68 32.27
N HIS D 143 39.78 0.48 31.72
CA HIS D 143 40.53 0.36 30.47
C HIS D 143 39.86 1.05 29.31
N ALA D 144 38.55 0.86 29.20
CA ALA D 144 37.78 1.46 28.13
C ALA D 144 37.85 2.98 28.19
N ARG D 145 37.74 3.48 29.42
CA ARG D 145 37.82 4.91 29.70
C ARG D 145 39.20 5.48 29.38
N GLU D 146 40.26 4.75 29.72
CA GLU D 146 41.64 5.21 29.48
C GLU D 146 42.01 5.12 28.00
N TRP D 147 41.48 4.12 27.31
CA TRP D 147 41.68 4.00 25.85
C TRP D 147 40.94 5.06 25.12
N THR D 148 39.78 5.42 25.61
CA THR D 148 39.03 6.53 25.05
C THR D 148 39.87 7.81 25.18
N GLN D 149 40.35 8.07 26.40
CA GLN D 149 41.22 9.21 26.69
C GLN D 149 42.50 9.21 25.83
N LYS D 150 43.08 8.03 25.62
CA LYS D 150 44.34 7.92 24.87
C LYS D 150 44.17 8.10 23.36
N TYR D 151 43.11 7.55 22.78
CA TYR D 151 43.01 7.45 21.32
C TYR D 151 41.87 8.22 20.67
N ALA D 152 40.85 8.57 21.44
CA ALA D 152 39.59 9.06 20.88
C ALA D 152 39.27 10.47 21.34
N MET D 153 40.23 11.09 22.03
CA MET D 153 40.08 12.44 22.52
C MET D 153 41.34 13.23 22.24
N GLY E 4 -0.49 11.67 29.33
CA GLY E 4 -0.73 11.58 27.86
C GLY E 4 0.28 12.41 27.08
N MET E 5 1.40 11.79 26.71
CA MET E 5 2.50 12.49 26.02
C MET E 5 2.88 11.78 24.71
N GLN E 6 3.47 12.54 23.79
CA GLN E 6 3.90 12.01 22.49
C GLN E 6 5.41 11.87 22.45
N ILE E 7 5.90 10.80 21.80
CA ILE E 7 7.31 10.70 21.41
C ILE E 7 7.39 10.33 19.93
N PHE E 8 8.56 10.54 19.35
CA PHE E 8 8.81 10.22 17.97
C PHE E 8 9.68 8.97 17.89
N VAL E 9 9.41 8.11 16.91
CA VAL E 9 10.28 6.99 16.58
C VAL E 9 10.74 7.15 15.14
N LYS E 10 12.05 7.22 14.93
CA LYS E 10 12.61 7.23 13.59
C LYS E 10 12.76 5.77 13.10
N THR E 11 11.88 5.40 12.18
CA THR E 11 11.75 4.00 11.71
C THR E 11 12.90 3.58 10.79
N LEU E 12 12.86 2.35 10.30
CA LEU E 12 13.94 1.80 9.46
C LEU E 12 14.25 2.63 8.24
N THR E 13 13.21 3.23 7.65
CA THR E 13 13.35 4.00 6.42
C THR E 13 13.71 5.47 6.70
N GLY E 14 13.90 5.83 7.97
CA GLY E 14 14.23 7.20 8.32
C GLY E 14 13.02 8.11 8.43
N LYS E 15 11.82 7.55 8.37
CA LYS E 15 10.58 8.31 8.57
C LYS E 15 10.28 8.39 10.05
N THR E 16 9.52 9.41 10.41
CA THR E 16 9.15 9.62 11.80
C THR E 16 7.69 9.28 12.03
N ILE E 17 7.44 8.42 13.01
CA ILE E 17 6.08 8.15 13.46
C ILE E 17 5.92 8.71 14.88
N THR E 18 4.69 9.04 15.26
CA THR E 18 4.38 9.53 16.60
C THR E 18 3.68 8.45 17.40
N LEU E 19 4.14 8.22 18.62
CA LEU E 19 3.50 7.26 19.53
C LEU E 19 2.84 8.01 20.68
N GLU E 20 1.66 7.55 21.08
CA GLU E 20 1.00 8.06 22.28
C GLU E 20 1.44 7.17 23.43
N VAL E 21 2.12 7.76 24.41
CA VAL E 21 2.72 6.98 25.49
C VAL E 21 2.56 7.64 26.85
N GLU E 22 2.86 6.87 27.89
CA GLU E 22 3.00 7.36 29.26
C GLU E 22 4.43 7.10 29.73
N PRO E 23 4.93 7.94 30.68
CA PRO E 23 6.21 7.67 31.32
C PRO E 23 6.32 6.27 31.96
N SER E 24 5.21 5.73 32.45
CA SER E 24 5.19 4.41 33.06
C SER E 24 5.32 3.26 32.04
N ASP E 25 4.94 3.51 30.77
CA ASP E 25 4.99 2.47 29.72
C ASP E 25 6.35 1.76 29.66
N THR E 26 6.33 0.43 29.55
CA THR E 26 7.55 -0.36 29.41
C THR E 26 8.11 -0.25 28.00
N ILE E 27 9.33 -0.72 27.78
CA ILE E 27 9.90 -0.72 26.43
C ILE E 27 9.15 -1.72 25.54
N GLU E 28 8.80 -2.88 26.10
CA GLU E 28 7.97 -3.87 25.41
C GLU E 28 6.68 -3.23 24.90
N ASN E 29 6.07 -2.41 25.74
CA ASN E 29 4.82 -1.73 25.43
C ASN E 29 5.02 -0.80 24.23
N VAL E 30 6.10 -0.04 24.23
CA VAL E 30 6.42 0.84 23.12
C VAL E 30 6.69 0.03 21.85
N LYS E 31 7.39 -1.10 21.99
CA LYS E 31 7.63 -1.98 20.84
C LYS E 31 6.35 -2.59 20.29
N ALA E 32 5.38 -2.87 21.15
CA ALA E 32 4.08 -3.37 20.68
C ALA E 32 3.38 -2.33 19.80
N LYS E 33 3.43 -1.06 20.21
CA LYS E 33 2.87 0.03 19.43
C LYS E 33 3.61 0.21 18.10
N ILE E 34 4.92 -0.02 18.11
CA ILE E 34 5.71 0.05 16.89
C ILE E 34 5.37 -1.08 15.91
N GLN E 35 5.16 -2.28 16.43
CA GLN E 35 4.71 -3.41 15.62
C GLN E 35 3.41 -3.09 14.88
N ASP E 36 2.47 -2.46 15.58
CA ASP E 36 1.17 -2.12 15.00
C ASP E 36 1.34 -1.18 13.80
N LYS E 37 2.30 -0.26 13.88
CA LYS E 37 2.54 0.70 12.81
C LYS E 37 3.49 0.22 11.70
N GLU E 38 4.51 -0.56 12.08
CA GLU E 38 5.58 -0.97 11.14
C GLU E 38 5.57 -2.44 10.76
N GLY E 39 4.88 -3.27 11.55
CA GLY E 39 4.83 -4.70 11.30
C GLY E 39 6.10 -5.47 11.58
N ILE E 40 6.99 -4.85 12.35
CA ILE E 40 8.24 -5.50 12.81
C ILE E 40 8.02 -6.07 14.20
N PRO E 41 8.14 -7.39 14.36
CA PRO E 41 7.87 -7.91 15.70
C PRO E 41 8.83 -7.35 16.75
N PRO E 42 8.39 -7.33 18.04
CA PRO E 42 9.22 -6.78 19.11
C PRO E 42 10.63 -7.37 19.18
N ASP E 43 10.76 -8.69 19.02
CA ASP E 43 12.08 -9.33 19.14
C ASP E 43 13.06 -8.97 18.02
N GLN E 44 12.56 -8.36 16.93
CA GLN E 44 13.43 -7.87 15.85
C GLN E 44 13.74 -6.37 15.95
N GLN E 45 13.02 -5.66 16.83
CA GLN E 45 13.25 -4.25 17.07
C GLN E 45 14.35 -4.02 18.11
N ARG E 46 15.33 -3.19 17.77
CA ARG E 46 16.28 -2.67 18.75
C ARG E 46 16.06 -1.17 18.81
N LEU E 47 15.63 -0.64 19.96
CA LEU E 47 15.37 0.80 20.09
C LEU E 47 16.57 1.50 20.75
N ILE E 48 16.98 2.64 20.19
CA ILE E 48 18.19 3.33 20.61
C ILE E 48 17.85 4.74 21.02
N PHE E 49 18.31 5.13 22.21
CA PHE E 49 18.19 6.51 22.68
C PHE E 49 19.47 6.89 23.40
N ALA E 50 20.00 8.08 23.09
CA ALA E 50 21.28 8.52 23.62
C ALA E 50 22.42 7.49 23.38
N GLY E 51 22.41 6.85 22.21
CA GLY E 51 23.49 5.95 21.81
C GLY E 51 23.46 4.55 22.42
N LYS E 52 22.40 4.21 23.14
CA LYS E 52 22.30 2.95 23.85
C LYS E 52 20.96 2.30 23.56
N GLN E 53 20.95 0.97 23.54
CA GLN E 53 19.70 0.23 23.37
C GLN E 53 18.83 0.31 24.64
N LEU E 54 17.53 0.20 24.45
CA LEU E 54 16.58 0.25 25.55
C LEU E 54 16.11 -1.17 25.83
N GLU E 55 16.29 -1.63 27.07
CA GLU E 55 15.97 -3.02 27.42
C GLU E 55 14.49 -3.19 27.81
N ASP E 56 13.98 -4.38 27.49
CA ASP E 56 12.53 -4.68 27.47
C ASP E 56 11.75 -4.44 28.78
N GLY E 57 12.35 -4.74 29.92
CA GLY E 57 11.68 -4.62 31.21
C GLY E 57 11.61 -3.20 31.77
N ARG E 58 12.47 -2.32 31.28
CA ARG E 58 12.54 -0.96 31.79
C ARG E 58 11.42 -0.09 31.24
N THR E 59 11.19 1.05 31.88
CA THR E 59 10.19 2.01 31.39
C THR E 59 10.86 3.22 30.72
N LEU E 60 10.03 4.07 30.10
CA LEU E 60 10.49 5.33 29.51
C LEU E 60 11.04 6.28 30.58
N SER E 61 10.39 6.29 31.73
CA SER E 61 10.83 7.06 32.90
C SER E 61 12.26 6.70 33.30
N ASP E 62 12.57 5.41 33.29
CA ASP E 62 13.89 4.90 33.64
C ASP E 62 15.02 5.40 32.72
N TYR E 63 14.68 5.68 31.46
CA TYR E 63 15.68 6.16 30.50
C TYR E 63 15.59 7.69 30.29
N ASN E 64 14.90 8.39 31.19
CA ASN E 64 14.68 9.83 31.03
C ASN E 64 14.22 10.25 29.63
N ILE E 65 13.40 9.40 29.00
CA ILE E 65 12.75 9.75 27.75
C ILE E 65 11.53 10.58 28.15
N GLN E 66 11.35 11.72 27.50
CA GLN E 66 10.31 12.64 27.88
C GLN E 66 9.55 13.10 26.64
N LYS E 67 8.48 13.86 26.89
CA LYS E 67 7.73 14.60 25.90
C LYS E 67 8.60 14.96 24.69
N GLU E 68 8.29 14.33 23.56
CA GLU E 68 8.92 14.63 22.26
C GLU E 68 10.39 14.22 22.11
N SER E 69 10.85 13.31 22.95
CA SER E 69 12.12 12.63 22.69
C SER E 69 11.97 11.84 21.39
N THR E 70 13.08 11.62 20.68
CA THR E 70 13.07 10.75 19.51
C THR E 70 13.86 9.46 19.79
N LEU E 71 13.20 8.32 19.61
CA LEU E 71 13.83 7.01 19.68
C LEU E 71 14.14 6.54 18.29
N HIS E 72 15.27 5.84 18.13
CA HIS E 72 15.69 5.37 16.83
C HIS E 72 15.54 3.90 16.74
N LEU E 73 14.97 3.42 15.64
CA LEU E 73 14.76 1.96 15.46
C LEU E 73 15.76 1.40 14.45
N VAL E 74 16.44 0.35 14.85
CA VAL E 74 17.29 -0.44 13.99
C VAL E 74 16.88 -1.90 14.20
N LEU E 75 17.49 -2.79 13.42
CA LEU E 75 17.19 -4.21 13.55
C LEU E 75 18.01 -4.85 14.68
N ARG E 76 17.45 -5.93 15.23
CA ARG E 76 18.14 -6.78 16.20
C ARG E 76 19.56 -7.09 15.72
N LEU E 77 20.50 -7.04 16.64
CA LEU E 77 21.90 -7.30 16.35
C LEU E 77 22.53 -7.94 17.58
N ARG E 78 23.67 -8.57 17.36
CA ARG E 78 24.42 -9.17 18.44
CA ARG E 78 24.42 -9.15 18.45
C ARG E 78 25.89 -9.19 18.07
N GLY E 79 26.74 -8.68 18.95
CA GLY E 79 28.16 -8.73 18.75
C GLY E 79 28.61 -10.17 18.83
N GLY E 80 29.69 -10.48 18.13
CA GLY E 80 30.30 -11.79 18.18
C GLY E 80 31.79 -11.68 17.90
ZN ZN F . 13.22 -1.57 -5.43
ZN ZN G . 8.51 -8.51 6.68
ZN ZN H . -12.37 1.74 4.32
ZN ZN I . -9.37 -8.92 -5.36
#